data_3OX2
#
_entry.id   3OX2
#
_cell.length_a   56.685
_cell.length_b   83.880
_cell.length_c   107.209
_cell.angle_alpha   90.00
_cell.angle_beta   90.00
_cell.angle_gamma   90.00
#
_symmetry.space_group_name_H-M   'P 21 21 21'
#
loop_
_entity.id
_entity.type
_entity.pdbx_description
1 polymer 'Ribosyldihydronicotinamide dehydrogenase [quinone]'
2 non-polymer 'ZINC ION'
3 non-polymer 'FLAVIN-ADENINE DINUCLEOTIDE'
4 non-polymer 2-hydroxy-8,9-dimethoxy-6H-isoindolo[2,1-a]indol-6-one
5 water water
#
_entity_poly.entity_id   1
_entity_poly.type   'polypeptide(L)'
_entity_poly.pdbx_seq_one_letter_code
;MAGKKVLIVYAHQEPKSFNGSLKNVAVDELSRQGCTVTVSDLYAMNFEPRATDKDITGTLSNPEVFNYGVETHEAYKQRS
LASDITDEQKKVREADLVIFQFPLYWFSVPAILKGWMDRVLCQGFAFDIPGFYDSGLLQGKLALLSVTTGGTAEMYTKTG
VNGDSRYFLWPLQHGTLHFCGFKVLAPQISFAPEIASEEERKGMVAAWSQRLQTIWKEEPIPCTAHWHFGQ
;
_entity_poly.pdbx_strand_id   A,B
#
loop_
_chem_comp.id
_chem_comp.type
_chem_comp.name
_chem_comp.formula
79X non-polymer 2-hydroxy-8,9-dimethoxy-6H-isoindolo[2,1-a]indol-6-one 'C17 H13 N O4'
FAD non-polymer 'FLAVIN-ADENINE DINUCLEOTIDE' 'C27 H33 N9 O15 P2'
ZN non-polymer 'ZINC ION' 'Zn 2'
#
# COMPACT_ATOMS: atom_id res chain seq x y z
N ALA A 2 5.75 35.95 0.84
CA ALA A 2 5.16 34.60 1.19
C ALA A 2 4.34 34.69 2.49
N GLY A 3 3.18 34.01 2.59
CA GLY A 3 2.58 33.19 1.51
C GLY A 3 2.86 31.73 1.80
N LYS A 4 1.89 30.84 1.56
CA LYS A 4 2.16 29.42 1.72
C LYS A 4 1.80 28.64 0.45
N LYS A 5 2.53 27.56 0.20
CA LYS A 5 2.22 26.63 -0.91
C LYS A 5 1.65 25.27 -0.45
N VAL A 6 0.55 24.88 -1.10
CA VAL A 6 -0.12 23.60 -0.87
C VAL A 6 -0.14 22.72 -2.12
N LEU A 7 0.29 21.46 -1.94
CA LEU A 7 0.10 20.40 -2.91
C LEU A 7 -1.00 19.45 -2.40
N ILE A 8 -2.02 19.25 -3.21
CA ILE A 8 -3.00 18.21 -3.00
C ILE A 8 -2.66 17.06 -3.95
N VAL A 9 -2.29 15.92 -3.38
CA VAL A 9 -2.15 14.69 -4.17
C VAL A 9 -3.46 13.91 -4.04
N TYR A 10 -4.19 13.83 -5.15
CA TYR A 10 -5.55 13.32 -5.19
C TYR A 10 -5.62 12.01 -6.00
N ALA A 11 -6.31 11.00 -5.46
CA ALA A 11 -6.31 9.67 -6.03
C ALA A 11 -7.72 9.11 -6.07
N HIS A 12 -8.52 9.60 -7.02
CA HIS A 12 -9.84 9.07 -7.26
C HIS A 12 -10.16 9.19 -8.76
N GLN A 13 -10.84 8.15 -9.27
CA GLN A 13 -11.23 8.05 -10.69
C GLN A 13 -12.34 9.02 -11.13
N GLU A 14 -13.19 9.44 -10.20
CA GLU A 14 -14.44 10.15 -10.51
C GLU A 14 -14.53 11.55 -9.86
N PRO A 15 -14.58 12.59 -10.71
CA PRO A 15 -14.65 13.96 -10.22
C PRO A 15 -15.90 14.28 -9.41
N LYS A 16 -17.01 13.57 -9.61
CA LYS A 16 -18.27 13.84 -8.84
C LYS A 16 -18.33 13.08 -7.55
N SER A 17 -17.22 12.47 -7.15
CA SER A 17 -17.22 11.56 -6.06
C SER A 17 -17.09 12.35 -4.80
N PHE A 18 -17.25 11.70 -3.65
CA PHE A 18 -17.06 12.38 -2.39
C PHE A 18 -15.59 12.80 -2.23
N ASN A 19 -14.66 12.04 -2.83
CA ASN A 19 -13.26 12.47 -2.83
C ASN A 19 -13.05 13.71 -3.72
N GLY A 20 -13.70 13.75 -4.88
CA GLY A 20 -13.66 14.94 -5.74
C GLY A 20 -14.10 16.17 -4.98
N SER A 21 -15.27 16.10 -4.36
CA SER A 21 -15.86 17.18 -3.58
C SER A 21 -14.95 17.68 -2.48
N LEU A 22 -14.29 16.75 -1.78
CA LEU A 22 -13.37 17.16 -0.71
C LEU A 22 -12.12 17.83 -1.25
N LYS A 23 -11.72 17.46 -2.47
CA LYS A 23 -10.57 18.07 -3.10
C LYS A 23 -10.91 19.48 -3.62
N ASN A 24 -12.05 19.61 -4.28
CA ASN A 24 -12.60 20.90 -4.74
C ASN A 24 -12.82 21.96 -3.62
N VAL A 25 -13.30 21.50 -2.48
CA VAL A 25 -13.46 22.31 -1.27
C VAL A 25 -12.11 22.71 -0.67
N ALA A 26 -11.14 21.79 -0.70
CA ALA A 26 -9.80 22.15 -0.28
C ALA A 26 -9.19 23.24 -1.19
N VAL A 27 -9.31 23.06 -2.50
CA VAL A 27 -8.83 24.06 -3.46
C VAL A 27 -9.52 25.41 -3.23
N ASP A 28 -10.87 25.44 -3.26
CA ASP A 28 -11.64 26.67 -3.00
C ASP A 28 -11.23 27.40 -1.74
N GLU A 29 -11.17 26.69 -0.62
CA GLU A 29 -10.86 27.34 0.66
C GLU A 29 -9.42 27.87 0.80
N LEU A 30 -8.44 27.11 0.34
CA LEU A 30 -7.03 27.52 0.44
C LEU A 30 -6.73 28.63 -0.56
N SER A 31 -7.39 28.56 -1.72
CA SER A 31 -7.36 29.59 -2.74
C SER A 31 -7.97 30.91 -2.21
N ARG A 32 -9.17 30.84 -1.60
CA ARG A 32 -9.76 31.92 -0.79
C ARG A 32 -8.80 32.63 0.18
N GLN A 33 -8.05 31.84 0.95
CA GLN A 33 -7.13 32.40 1.94
C GLN A 33 -5.89 33.09 1.33
N GLY A 34 -5.63 32.91 0.04
CA GLY A 34 -4.48 33.48 -0.60
C GLY A 34 -3.33 32.51 -0.84
N CYS A 35 -3.57 31.23 -0.58
CA CYS A 35 -2.54 30.19 -0.75
C CYS A 35 -2.27 29.85 -2.22
N THR A 36 -1.05 29.44 -2.48
CA THR A 36 -0.68 28.91 -3.75
C THR A 36 -1.08 27.45 -3.69
N VAL A 37 -1.84 26.99 -4.68
CA VAL A 37 -2.38 25.65 -4.65
C VAL A 37 -2.04 24.90 -5.96
N THR A 38 -1.63 23.66 -5.81
CA THR A 38 -1.35 22.77 -6.92
C THR A 38 -2.03 21.44 -6.64
N VAL A 39 -2.55 20.79 -7.68
CA VAL A 39 -3.17 19.48 -7.49
C VAL A 39 -2.46 18.48 -8.40
N SER A 40 -2.10 17.32 -7.85
CA SER A 40 -1.72 16.18 -8.68
C SER A 40 -2.88 15.19 -8.73
N ASP A 41 -3.64 15.22 -9.83
CA ASP A 41 -4.73 14.27 -10.03
C ASP A 41 -4.15 13.02 -10.72
N LEU A 42 -3.72 12.07 -9.89
CA LEU A 42 -2.99 10.90 -10.36
C LEU A 42 -3.71 10.10 -11.43
N TYR A 43 -5.01 9.89 -11.32
CA TYR A 43 -5.64 9.12 -12.36
C TYR A 43 -5.74 9.92 -13.68
N ALA A 44 -5.92 11.23 -13.61
CA ALA A 44 -6.06 12.01 -14.86
C ALA A 44 -4.70 12.11 -15.54
N MET A 45 -3.64 12.05 -14.75
CA MET A 45 -2.28 12.07 -15.25
C MET A 45 -1.89 10.67 -15.81
N ASN A 46 -2.76 9.67 -15.57
CA ASN A 46 -2.42 8.26 -15.76
CA ASN A 46 -2.41 8.26 -15.82
C ASN A 46 -1.08 7.96 -15.13
N PHE A 47 -0.94 8.39 -13.88
CA PHE A 47 0.34 8.31 -13.18
C PHE A 47 0.87 6.87 -13.12
N GLU A 48 2.12 6.68 -13.49
CA GLU A 48 2.70 5.34 -13.49
C GLU A 48 3.04 4.86 -12.07
N PRO A 49 2.41 3.78 -11.59
CA PRO A 49 2.71 3.33 -10.23
C PRO A 49 3.88 2.33 -10.12
N ARG A 50 4.27 1.68 -11.21
CA ARG A 50 5.31 0.64 -11.10
C ARG A 50 6.73 1.21 -10.92
N ALA A 51 7.47 0.66 -9.96
CA ALA A 51 8.89 0.94 -9.80
C ALA A 51 9.67 0.12 -10.79
N THR A 52 10.16 0.72 -11.86
CA THR A 52 10.90 -0.04 -12.88
C THR A 52 12.11 0.73 -13.34
N ASP A 53 12.96 0.06 -14.14
CA ASP A 53 14.14 0.70 -14.78
C ASP A 53 13.81 1.86 -15.74
N LYS A 54 12.56 2.01 -16.16
CA LYS A 54 12.18 3.18 -16.97
C LYS A 54 12.23 4.51 -16.20
N ASP A 55 12.37 4.41 -14.87
CA ASP A 55 12.38 5.56 -13.96
C ASP A 55 13.72 6.30 -14.01
N ILE A 56 14.67 5.70 -14.71
CA ILE A 56 16.01 6.25 -14.87
C ILE A 56 16.23 6.49 -16.35
N THR A 57 16.59 7.73 -16.70
CA THR A 57 16.84 8.07 -18.11
C THR A 57 18.31 7.84 -18.46
N GLY A 58 18.58 7.60 -19.76
CA GLY A 58 19.94 7.31 -20.22
C GLY A 58 20.40 5.96 -19.67
N THR A 59 21.70 5.82 -19.40
CA THR A 59 22.24 4.50 -19.04
C THR A 59 22.45 4.25 -17.55
N LEU A 60 22.38 2.98 -17.17
CA LEU A 60 22.23 2.59 -15.79
C LEU A 60 23.56 2.25 -15.14
N SER A 61 23.70 2.64 -13.88
CA SER A 61 24.88 2.41 -13.05
C SER A 61 25.31 0.93 -12.85
N ASN A 62 24.58 0.00 -13.50
CA ASN A 62 24.80 -1.47 -13.42
C ASN A 62 23.69 -2.21 -14.14
N PRO A 63 23.81 -2.35 -15.47
CA PRO A 63 22.72 -2.96 -16.23
C PRO A 63 22.68 -4.50 -16.17
N GLU A 64 23.44 -5.09 -15.24
CA GLU A 64 23.50 -6.55 -15.12
C GLU A 64 22.59 -7.09 -14.02
N VAL A 65 22.69 -6.49 -12.83
CA VAL A 65 21.78 -6.72 -11.70
C VAL A 65 21.10 -5.36 -11.41
N PHE A 66 19.78 -5.26 -11.62
CA PHE A 66 19.02 -4.02 -11.40
C PHE A 66 18.54 -3.94 -9.96
N ASN A 67 18.94 -2.86 -9.29
CA ASN A 67 18.55 -2.60 -7.89
C ASN A 67 17.88 -1.22 -7.88
N TYR A 68 16.56 -1.20 -7.82
CA TYR A 68 15.74 0.02 -7.84
C TYR A 68 16.19 1.12 -6.87
N GLY A 69 16.34 0.78 -5.59
CA GLY A 69 16.77 1.74 -4.57
C GLY A 69 18.06 2.41 -4.96
N VAL A 70 19.07 1.61 -5.28
CA VAL A 70 20.38 2.13 -5.64
C VAL A 70 20.31 3.00 -6.88
N GLU A 71 19.77 2.45 -7.96
CA GLU A 71 19.75 3.19 -9.23
C GLU A 71 18.97 4.50 -9.22
N THR A 72 17.92 4.59 -8.40
CA THR A 72 17.12 5.80 -8.34
C THR A 72 17.82 6.83 -7.48
N HIS A 73 18.48 6.39 -6.40
CA HIS A 73 19.37 7.25 -5.61
C HIS A 73 20.42 7.92 -6.49
N GLU A 74 21.15 7.10 -7.26
CA GLU A 74 22.18 7.57 -8.21
C GLU A 74 21.62 8.49 -9.26
N ALA A 75 20.43 8.18 -9.80
CA ALA A 75 19.79 9.03 -10.80
C ALA A 75 19.34 10.38 -10.21
N TYR A 76 18.88 10.36 -8.97
CA TYR A 76 18.55 11.61 -8.29
C TYR A 76 19.75 12.55 -8.19
N LYS A 77 20.87 12.07 -7.63
CA LYS A 77 22.12 12.84 -7.57
C LYS A 77 22.65 13.34 -8.94
N GLN A 78 22.46 12.53 -9.98
N GLN A 78 22.50 12.52 -9.99
CA GLN A 78 22.96 12.83 -11.32
CA GLN A 78 22.98 12.88 -11.33
C GLN A 78 21.91 13.46 -12.24
C GLN A 78 21.91 13.46 -12.24
N ARG A 79 20.83 13.97 -11.65
CA ARG A 79 19.68 14.56 -12.41
C ARG A 79 19.19 13.70 -13.58
N SER A 80 19.07 12.39 -13.36
CA SER A 80 18.66 11.48 -14.44
C SER A 80 17.36 10.64 -14.18
N LEU A 81 16.48 11.16 -13.31
CA LEU A 81 15.21 10.50 -13.00
C LEU A 81 14.21 10.85 -14.08
N ALA A 82 13.22 10.00 -14.32
CA ALA A 82 12.25 10.30 -15.37
C ALA A 82 11.41 11.52 -14.98
N SER A 83 10.94 12.24 -15.98
CA SER A 83 10.37 13.56 -15.75
C SER A 83 9.05 13.55 -14.98
N ASP A 84 8.25 12.48 -15.07
CA ASP A 84 7.05 12.40 -14.23
C ASP A 84 7.42 12.46 -12.75
N ILE A 85 8.57 11.87 -12.40
CA ILE A 85 9.07 11.85 -11.02
C ILE A 85 9.64 13.21 -10.63
N THR A 86 10.48 13.79 -11.49
CA THR A 86 11.10 15.06 -11.13
C THR A 86 10.06 16.19 -11.03
N ASP A 87 9.05 16.18 -11.90
CA ASP A 87 7.89 17.07 -11.76
C ASP A 87 7.24 16.98 -10.35
N GLU A 88 6.99 15.74 -9.87
CA GLU A 88 6.30 15.55 -8.60
C GLU A 88 7.19 16.07 -7.48
N GLN A 89 8.48 15.73 -7.53
CA GLN A 89 9.47 16.23 -6.58
C GLN A 89 9.52 17.76 -6.56
N LYS A 90 9.46 18.39 -7.73
CA LYS A 90 9.46 19.85 -7.74
C LYS A 90 8.27 20.42 -6.97
N LYS A 91 7.09 19.82 -7.11
CA LYS A 91 5.91 20.29 -6.40
C LYS A 91 6.00 20.04 -4.89
N VAL A 92 6.66 18.94 -4.48
CA VAL A 92 6.85 18.64 -3.08
C VAL A 92 7.92 19.55 -2.47
N ARG A 93 9.04 19.70 -3.16
CA ARG A 93 10.10 20.64 -2.75
C ARG A 93 9.48 22.01 -2.37
N GLU A 94 8.69 22.57 -3.27
CA GLU A 94 8.09 23.90 -3.07
C GLU A 94 6.93 23.98 -2.06
N ALA A 95 6.34 22.85 -1.68
CA ALA A 95 5.13 22.87 -0.83
C ALA A 95 5.43 23.04 0.68
N ASP A 96 4.55 23.74 1.40
CA ASP A 96 4.66 23.82 2.85
C ASP A 96 3.77 22.81 3.50
N LEU A 97 2.78 22.37 2.72
CA LEU A 97 1.76 21.47 3.18
C LEU A 97 1.41 20.58 2.01
N VAL A 98 1.48 19.24 2.25
CA VAL A 98 1.01 18.24 1.30
C VAL A 98 -0.21 17.55 1.87
N ILE A 99 -1.34 17.67 1.19
CA ILE A 99 -2.53 16.92 1.51
C ILE A 99 -2.70 15.71 0.54
N PHE A 100 -2.92 14.53 1.10
CA PHE A 100 -3.27 13.32 0.32
C PHE A 100 -4.73 13.07 0.47
N GLN A 101 -5.42 13.02 -0.65
CA GLN A 101 -6.87 12.85 -0.68
C GLN A 101 -7.19 11.53 -1.40
N PHE A 102 -7.64 10.53 -0.66
CA PHE A 102 -7.82 9.20 -1.21
C PHE A 102 -8.90 8.42 -0.44
N PRO A 103 -9.56 7.49 -1.15
CA PRO A 103 -10.35 6.41 -0.50
C PRO A 103 -9.41 5.35 0.05
N LEU A 104 -9.74 4.81 1.22
CA LEU A 104 -9.03 3.68 1.83
C LEU A 104 -9.19 2.42 0.95
N TYR A 105 -8.08 1.88 0.47
CA TYR A 105 -8.12 0.61 -0.25
C TYR A 105 -7.30 -0.34 0.59
N TRP A 106 -7.96 -1.37 1.13
CA TRP A 106 -7.29 -2.40 1.92
C TRP A 106 -6.44 -1.82 3.05
N PHE A 107 -7.09 -1.02 3.91
CA PHE A 107 -6.41 -0.38 5.06
C PHE A 107 -5.21 0.48 4.62
N SER A 108 -5.19 0.94 3.36
CA SER A 108 -4.01 1.67 2.87
C SER A 108 -4.45 2.63 1.75
N VAL A 109 -3.49 3.11 0.97
CA VAL A 109 -3.72 4.00 -0.13
C VAL A 109 -4.00 3.17 -1.39
N PRO A 110 -4.80 3.72 -2.33
CA PRO A 110 -4.89 2.99 -3.60
C PRO A 110 -3.52 2.80 -4.24
N ALA A 111 -3.37 1.78 -5.08
CA ALA A 111 -2.07 1.45 -5.64
C ALA A 111 -1.39 2.58 -6.43
N ILE A 112 -2.19 3.33 -7.17
CA ILE A 112 -1.68 4.47 -7.93
C ILE A 112 -0.97 5.48 -7.03
N LEU A 113 -1.54 5.72 -5.84
CA LEU A 113 -0.94 6.56 -4.82
C LEU A 113 0.22 5.86 -4.11
N LYS A 114 0.13 4.55 -3.87
CA LYS A 114 1.28 3.82 -3.34
C LYS A 114 2.47 4.00 -4.25
N GLY A 115 2.24 4.00 -5.57
CA GLY A 115 3.30 4.19 -6.54
C GLY A 115 3.91 5.59 -6.54
N TRP A 116 3.11 6.61 -6.29
CA TRP A 116 3.62 7.96 -6.12
C TRP A 116 4.64 7.94 -4.98
N MET A 117 4.27 7.34 -3.85
CA MET A 117 5.15 7.30 -2.69
C MET A 117 6.40 6.50 -2.98
N ASP A 118 6.22 5.31 -3.57
CA ASP A 118 7.38 4.47 -3.98
C ASP A 118 8.34 5.23 -4.92
N ARG A 119 7.77 5.99 -5.87
CA ARG A 119 8.60 6.58 -6.96
C ARG A 119 9.13 8.00 -6.70
N VAL A 120 8.32 8.83 -6.06
CA VAL A 120 8.68 10.23 -5.86
C VAL A 120 9.58 10.45 -4.66
N LEU A 121 9.32 9.73 -3.58
CA LEU A 121 10.00 9.92 -2.33
C LEU A 121 11.28 9.05 -2.26
N CYS A 122 12.22 9.30 -3.16
CA CYS A 122 13.42 8.46 -3.23
C CYS A 122 14.54 8.91 -2.28
N GLN A 123 15.54 8.03 -2.11
CA GLN A 123 16.76 8.36 -1.35
C GLN A 123 17.48 9.53 -2.03
N GLY A 124 17.84 10.54 -1.24
CA GLY A 124 18.47 11.74 -1.79
C GLY A 124 17.50 12.91 -1.75
N PHE A 125 16.23 12.65 -2.07
CA PHE A 125 15.19 13.66 -2.07
C PHE A 125 14.44 13.67 -0.74
N ALA A 126 13.90 12.52 -0.32
CA ALA A 126 12.99 12.47 0.81
C ALA A 126 13.68 12.16 2.15
N PHE A 127 14.82 11.49 2.05
CA PHE A 127 15.51 10.93 3.19
C PHE A 127 16.87 10.52 2.70
N ASP A 128 17.76 10.33 3.66
CA ASP A 128 19.07 9.76 3.45
C ASP A 128 19.55 9.26 4.83
N ILE A 129 20.70 8.59 4.84
CA ILE A 129 21.54 8.56 6.05
C ILE A 129 22.46 9.83 6.07
N PRO A 130 22.29 10.69 7.11
CA PRO A 130 21.49 10.47 8.34
C PRO A 130 20.10 11.12 8.42
N GLY A 131 19.61 11.67 7.31
CA GLY A 131 18.38 12.47 7.31
C GLY A 131 17.04 11.70 7.28
N PHE A 132 16.63 11.20 8.44
CA PHE A 132 15.41 10.40 8.55
C PHE A 132 14.66 10.64 9.87
N TYR A 133 13.38 10.24 9.87
CA TYR A 133 12.42 10.63 10.91
C TYR A 133 12.49 12.13 11.22
N ASP A 134 12.81 12.50 12.47
CA ASP A 134 12.95 13.92 12.82
C ASP A 134 13.91 14.71 11.89
N SER A 135 15.03 14.08 11.51
CA SER A 135 16.01 14.70 10.62
C SER A 135 15.81 14.41 9.12
N GLY A 136 14.65 13.89 8.72
CA GLY A 136 14.37 13.62 7.29
C GLY A 136 14.47 14.85 6.40
N LEU A 137 14.83 14.66 5.13
CA LEU A 137 15.10 15.79 4.24
C LEU A 137 13.92 16.73 3.98
N LEU A 138 12.71 16.30 4.30
CA LEU A 138 11.52 17.10 4.01
C LEU A 138 11.03 17.78 5.27
N GLN A 139 11.95 17.93 6.24
CA GLN A 139 11.64 18.55 7.54
C GLN A 139 11.12 19.97 7.41
N GLY A 140 10.16 20.29 8.27
CA GLY A 140 9.55 21.63 8.25
C GLY A 140 8.27 21.69 7.42
N LYS A 141 8.08 20.69 6.58
CA LYS A 141 6.88 20.57 5.77
C LYS A 141 5.81 19.87 6.57
N LEU A 142 4.56 20.28 6.36
CA LEU A 142 3.44 19.57 6.95
C LEU A 142 2.86 18.55 5.98
N ALA A 143 2.26 17.50 6.53
CA ALA A 143 1.57 16.49 5.72
C ALA A 143 0.33 16.15 6.44
N LEU A 144 -0.69 15.85 5.67
CA LEU A 144 -2.00 15.57 6.20
C LEU A 144 -2.69 14.55 5.30
N LEU A 145 -3.22 13.48 5.93
CA LEU A 145 -4.05 12.50 5.26
C LEU A 145 -5.56 12.79 5.29
N SER A 146 -6.17 12.95 4.13
CA SER A 146 -7.62 13.06 4.09
C SER A 146 -8.18 11.82 3.39
N VAL A 147 -8.80 10.95 4.19
CA VAL A 147 -9.18 9.57 3.83
C VAL A 147 -10.67 9.43 3.96
N THR A 148 -11.31 8.83 2.95
CA THR A 148 -12.68 8.37 3.10
C THR A 148 -12.72 6.82 3.29
N THR A 149 -13.66 6.33 4.10
CA THR A 149 -13.77 4.89 4.37
C THR A 149 -15.07 4.29 3.87
N GLY A 150 -15.10 2.98 3.69
CA GLY A 150 -16.34 2.26 3.44
C GLY A 150 -17.02 1.92 4.75
N GLY A 151 -16.23 1.58 5.75
CA GLY A 151 -16.74 1.19 7.04
C GLY A 151 -16.95 2.35 8.03
N THR A 152 -17.99 2.20 8.86
CA THR A 152 -18.45 3.23 9.78
C THR A 152 -17.44 3.44 10.91
N ALA A 153 -17.57 4.57 11.61
CA ALA A 153 -16.68 4.86 12.74
C ALA A 153 -16.71 3.80 13.86
N GLU A 154 -17.88 3.17 14.09
CA GLU A 154 -17.99 2.05 15.09
C GLU A 154 -17.10 0.86 14.70
N MET A 155 -17.14 0.48 13.42
CA MET A 155 -16.28 -0.60 12.89
C MET A 155 -14.79 -0.31 13.10
N TYR A 156 -14.43 0.96 13.21
CA TYR A 156 -13.02 1.37 13.41
C TYR A 156 -12.62 1.74 14.86
N THR A 157 -13.29 1.15 15.85
CA THR A 157 -12.93 1.34 17.27
C THR A 157 -12.06 0.17 17.73
N LYS A 158 -11.46 0.28 18.91
CA LYS A 158 -10.41 -0.67 19.34
C LYS A 158 -10.93 -2.11 19.49
N THR A 159 -12.22 -2.22 19.75
CA THR A 159 -12.93 -3.49 19.68
C THR A 159 -14.13 -3.37 18.72
N GLY A 160 -13.82 -3.02 17.48
CA GLY A 160 -14.74 -3.21 16.35
C GLY A 160 -14.11 -4.26 15.44
N VAL A 161 -14.73 -4.53 14.29
CA VAL A 161 -14.14 -5.51 13.36
C VAL A 161 -12.73 -5.11 12.87
N ASN A 162 -12.60 -3.83 12.52
CA ASN A 162 -11.44 -3.34 11.79
C ASN A 162 -10.33 -2.77 12.67
N GLY A 163 -10.54 -2.78 13.98
CA GLY A 163 -9.59 -2.17 14.94
C GLY A 163 -9.59 -0.65 14.90
N ASP A 164 -8.70 -0.04 15.67
CA ASP A 164 -8.58 1.42 15.76
C ASP A 164 -7.99 1.99 14.44
N SER A 165 -8.59 3.05 13.91
CA SER A 165 -8.08 3.77 12.71
C SER A 165 -6.58 4.03 12.75
N ARG A 166 -6.07 4.37 13.93
CA ARG A 166 -4.65 4.64 14.08
C ARG A 166 -3.76 3.44 13.79
N TYR A 167 -4.34 2.24 13.80
CA TYR A 167 -3.61 1.02 13.45
C TYR A 167 -3.16 1.00 11.99
N PHE A 168 -4.08 1.32 11.07
CA PHE A 168 -3.71 1.37 9.65
C PHE A 168 -2.92 2.64 9.27
N LEU A 169 -2.96 3.69 10.12
CA LEU A 169 -2.32 4.94 9.75
C LEU A 169 -0.83 4.88 9.92
N TRP A 170 -0.38 3.92 10.71
CA TRP A 170 1.03 3.80 11.09
C TRP A 170 2.02 3.70 9.89
N PRO A 171 1.76 2.78 8.93
CA PRO A 171 2.68 2.70 7.79
C PRO A 171 2.69 3.97 6.94
N LEU A 172 1.57 4.68 6.85
CA LEU A 172 1.54 5.91 6.06
C LEU A 172 2.10 7.08 6.86
N GLN A 173 1.59 7.28 8.07
CA GLN A 173 1.93 8.42 8.88
C GLN A 173 3.33 8.31 9.44
N HIS A 174 3.63 7.22 10.14
CA HIS A 174 4.95 7.04 10.72
C HIS A 174 5.95 6.48 9.73
N GLY A 175 5.60 5.33 9.15
CA GLY A 175 6.51 4.62 8.26
C GLY A 175 6.89 5.39 7.01
N THR A 176 5.98 6.23 6.50
CA THR A 176 6.26 7.00 5.30
C THR A 176 6.52 8.50 5.62
N LEU A 177 5.47 9.21 6.04
CA LEU A 177 5.54 10.67 6.19
C LEU A 177 6.52 11.15 7.23
N HIS A 178 6.37 10.70 8.46
CA HIS A 178 7.34 10.97 9.52
C HIS A 178 8.78 10.60 9.16
N PHE A 179 8.97 9.48 8.47
CA PHE A 179 10.33 9.05 8.12
C PHE A 179 11.02 10.07 7.22
N CYS A 180 10.22 10.74 6.39
CA CYS A 180 10.78 11.67 5.40
C CYS A 180 11.00 13.07 5.97
N GLY A 181 10.55 13.29 7.19
CA GLY A 181 10.73 14.59 7.79
C GLY A 181 9.48 15.40 7.99
N PHE A 182 8.34 14.97 7.47
CA PHE A 182 7.11 15.74 7.62
C PHE A 182 6.69 15.85 9.06
N LYS A 183 6.02 16.92 9.43
CA LYS A 183 5.24 16.92 10.66
C LYS A 183 3.84 16.61 10.18
N VAL A 184 3.19 15.70 10.87
CA VAL A 184 1.98 15.12 10.39
C VAL A 184 0.88 15.75 11.20
N LEU A 185 -0.03 16.42 10.53
CA LEU A 185 -1.26 16.88 11.16
C LEU A 185 -2.23 15.70 11.37
N ALA A 186 -3.23 15.93 12.21
CA ALA A 186 -4.13 14.88 12.59
C ALA A 186 -4.83 14.47 11.29
N PRO A 187 -5.07 13.15 11.09
CA PRO A 187 -5.72 12.76 9.83
C PRO A 187 -7.06 13.42 9.78
N GLN A 188 -7.63 13.53 8.58
CA GLN A 188 -9.03 13.83 8.43
C GLN A 188 -9.70 12.61 7.87
N ILE A 189 -10.51 11.91 8.67
CA ILE A 189 -11.17 10.71 8.19
C ILE A 189 -12.65 10.96 8.03
N SER A 190 -13.15 10.84 6.80
CA SER A 190 -14.56 10.98 6.53
C SER A 190 -15.22 9.61 6.45
N PHE A 191 -15.76 9.13 7.58
CA PHE A 191 -16.35 7.77 7.68
C PHE A 191 -17.59 7.53 6.84
N ALA A 192 -17.52 6.50 6.02
CA ALA A 192 -18.67 5.95 5.32
C ALA A 192 -19.55 7.02 4.70
N PRO A 193 -19.04 7.76 3.71
CA PRO A 193 -19.90 8.69 3.01
C PRO A 193 -21.07 8.06 2.26
N GLU A 194 -20.96 6.80 1.84
CA GLU A 194 -21.92 6.29 0.85
C GLU A 194 -23.23 5.79 1.46
N ILE A 195 -23.17 5.37 2.71
CA ILE A 195 -24.34 4.94 3.48
C ILE A 195 -24.64 6.03 4.51
N ALA A 196 -24.78 7.24 3.99
CA ALA A 196 -24.96 8.41 4.84
C ALA A 196 -25.87 9.32 4.05
N SER A 197 -26.69 10.06 4.79
CA SER A 197 -27.63 10.98 4.16
C SER A 197 -26.85 12.12 3.57
N GLU A 198 -27.38 12.60 2.44
CA GLU A 198 -26.95 13.80 1.78
C GLU A 198 -26.73 15.00 2.71
N GLU A 199 -27.03 14.83 4.00
CA GLU A 199 -26.91 15.87 5.02
C GLU A 199 -25.81 15.62 6.07
N GLU A 200 -25.48 14.34 6.33
CA GLU A 200 -24.30 14.07 7.18
C GLU A 200 -23.03 14.26 6.36
N ARG A 201 -23.22 14.11 5.04
CA ARG A 201 -22.22 14.33 4.04
C ARG A 201 -21.80 15.80 3.94
N LYS A 202 -22.80 16.65 3.72
CA LYS A 202 -22.59 18.08 3.57
C LYS A 202 -21.89 18.62 4.82
N GLY A 203 -22.19 18.00 5.97
CA GLY A 203 -21.55 18.35 7.24
C GLY A 203 -20.12 17.82 7.33
N MET A 204 -19.83 16.76 6.57
CA MET A 204 -18.48 16.21 6.56
C MET A 204 -17.59 17.04 5.64
N VAL A 205 -18.12 17.38 4.46
CA VAL A 205 -17.51 18.34 3.55
C VAL A 205 -17.30 19.71 4.24
N ALA A 206 -18.24 20.13 5.07
CA ALA A 206 -18.18 21.45 5.66
C ALA A 206 -17.20 21.52 6.80
N ALA A 207 -17.10 20.46 7.60
CA ALA A 207 -16.12 20.47 8.69
C ALA A 207 -14.67 20.40 8.17
N TRP A 208 -14.50 19.89 6.95
CA TRP A 208 -13.23 19.86 6.20
C TRP A 208 -12.88 21.29 5.77
N SER A 209 -13.86 21.91 5.13
CA SER A 209 -13.84 23.32 4.74
C SER A 209 -13.57 24.17 5.99
N GLN A 210 -14.37 23.99 7.06
CA GLN A 210 -14.13 24.68 8.33
C GLN A 210 -12.75 24.42 8.88
N ARG A 211 -12.33 23.16 8.89
CA ARG A 211 -11.01 22.88 9.45
C ARG A 211 -9.85 23.58 8.69
N LEU A 212 -9.91 23.62 7.37
CA LEU A 212 -8.88 24.29 6.54
C LEU A 212 -8.70 25.80 6.82
N GLN A 213 -9.74 26.45 7.32
CA GLN A 213 -9.68 27.86 7.75
C GLN A 213 -8.57 28.12 8.76
N THR A 214 -8.34 27.18 9.67
CA THR A 214 -7.36 27.42 10.73
C THR A 214 -6.22 26.40 10.69
N ILE A 215 -6.03 25.84 9.49
CA ILE A 215 -5.06 24.79 9.26
C ILE A 215 -3.64 25.19 9.66
N TRP A 216 -3.28 26.45 9.43
CA TRP A 216 -1.91 26.94 9.73
C TRP A 216 -1.62 27.17 11.22
N LYS A 217 -2.68 27.34 12.02
CA LYS A 217 -2.55 27.46 13.48
C LYS A 217 -2.34 26.08 14.14
N GLU A 218 -2.60 25.00 13.41
CA GLU A 218 -2.62 23.65 13.99
C GLU A 218 -1.30 23.07 14.48
N GLU A 219 -1.38 22.25 15.52
CA GLU A 219 -0.21 21.51 16.04
C GLU A 219 -0.09 20.12 15.45
N PRO A 220 1.14 19.72 15.04
CA PRO A 220 1.40 18.38 14.55
C PRO A 220 1.22 17.34 15.65
N ILE A 221 0.54 16.23 15.33
CA ILE A 221 0.45 15.08 16.24
C ILE A 221 1.84 14.60 16.64
N PRO A 222 1.98 14.02 17.85
CA PRO A 222 3.27 13.36 18.13
C PRO A 222 3.21 12.02 17.41
N CYS A 223 4.14 11.78 16.50
CA CYS A 223 4.00 10.64 15.60
C CYS A 223 4.80 9.49 16.16
N THR A 224 4.20 8.82 17.13
CA THR A 224 4.94 7.81 17.88
C THR A 224 4.11 6.55 17.93
N ALA A 225 4.82 5.43 18.04
CA ALA A 225 4.23 4.14 18.38
C ALA A 225 3.09 4.33 19.39
N HIS A 226 3.39 5.01 20.50
CA HIS A 226 2.40 5.29 21.55
C HIS A 226 1.13 6.05 21.06
N TRP A 227 1.30 7.04 20.19
CA TRP A 227 0.12 7.73 19.60
C TRP A 227 -0.81 6.77 18.84
N HIS A 228 -0.21 5.88 18.05
CA HIS A 228 -0.94 4.93 17.17
C HIS A 228 -1.51 3.71 17.90
N PHE A 229 -0.87 3.29 18.98
CA PHE A 229 -1.21 1.99 19.60
C PHE A 229 -1.52 2.05 21.09
N GLY A 230 -0.75 2.84 21.84
CA GLY A 230 -0.90 2.96 23.29
C GLY A 230 -2.14 3.72 23.79
N GLN A 231 -2.08 4.13 25.06
CA GLN A 231 -3.17 4.78 25.79
C GLN A 231 -2.79 6.20 26.31
N ALA B 2 -4.54 -34.27 -3.71
CA ALA B 2 -3.67 -35.28 -2.99
C ALA B 2 -2.82 -34.68 -1.86
N GLY B 3 -1.98 -33.70 -2.16
CA GLY B 3 -1.94 -33.07 -3.49
C GLY B 3 -2.38 -31.61 -3.42
N LYS B 4 -1.51 -30.78 -2.85
CA LYS B 4 -1.76 -29.37 -2.65
C LYS B 4 -1.34 -28.48 -3.82
N LYS B 5 -2.12 -27.41 -4.03
CA LYS B 5 -1.78 -26.37 -5.00
C LYS B 5 -1.22 -25.12 -4.33
N VAL B 6 -0.12 -24.58 -4.85
CA VAL B 6 0.49 -23.37 -4.32
C VAL B 6 0.60 -22.24 -5.36
N LEU B 7 0.20 -21.01 -4.98
CA LEU B 7 0.45 -19.82 -5.82
C LEU B 7 1.44 -18.92 -5.12
N ILE B 8 2.53 -18.59 -5.83
CA ILE B 8 3.45 -17.54 -5.41
C ILE B 8 3.19 -16.24 -6.21
N VAL B 9 2.80 -15.18 -5.51
CA VAL B 9 2.63 -13.90 -6.15
C VAL B 9 3.93 -13.12 -5.84
N TYR B 10 4.70 -12.82 -6.90
CA TYR B 10 6.07 -12.42 -6.70
C TYR B 10 6.25 -11.02 -7.24
N ALA B 11 6.79 -10.12 -6.43
CA ALA B 11 6.93 -8.71 -6.81
C ALA B 11 8.35 -8.18 -6.66
N HIS B 12 9.20 -8.54 -7.62
CA HIS B 12 10.56 -7.99 -7.69
C HIS B 12 10.98 -7.90 -9.15
N GLN B 13 11.78 -6.86 -9.45
CA GLN B 13 12.20 -6.53 -10.81
C GLN B 13 13.35 -7.43 -11.33
N GLU B 14 14.17 -7.92 -10.40
CA GLU B 14 15.46 -8.53 -10.73
C GLU B 14 15.49 -10.02 -10.36
N PRO B 15 15.52 -10.90 -11.37
CA PRO B 15 15.61 -12.37 -11.09
C PRO B 15 16.79 -12.77 -10.18
N LYS B 16 17.87 -11.97 -10.16
CA LYS B 16 19.06 -12.34 -9.41
C LYS B 16 19.08 -11.73 -8.04
N SER B 17 17.95 -11.17 -7.61
CA SER B 17 17.85 -10.55 -6.29
C SER B 17 17.65 -11.59 -5.22
N PHE B 18 17.58 -11.13 -3.99
CA PHE B 18 17.37 -11.99 -2.84
C PHE B 18 15.91 -12.50 -2.84
N ASN B 19 14.98 -11.62 -3.24
CA ASN B 19 13.59 -12.05 -3.48
C ASN B 19 13.50 -13.14 -4.52
N GLY B 20 14.15 -12.95 -5.66
CA GLY B 20 14.25 -13.96 -6.69
C GLY B 20 14.73 -15.33 -6.20
N SER B 21 15.78 -15.34 -5.38
CA SER B 21 16.28 -16.58 -4.73
C SER B 21 15.26 -17.21 -3.77
N LEU B 22 14.62 -16.41 -2.93
CA LEU B 22 13.63 -16.92 -2.02
C LEU B 22 12.49 -17.54 -2.81
N LYS B 23 12.15 -16.93 -3.93
CA LYS B 23 11.07 -17.41 -4.78
C LYS B 23 11.47 -18.72 -5.50
N ASN B 24 12.70 -18.77 -5.98
CA ASN B 24 13.23 -19.97 -6.62
C ASN B 24 13.31 -21.15 -5.65
N VAL B 25 13.75 -20.91 -4.40
CA VAL B 25 13.86 -22.04 -3.48
C VAL B 25 12.47 -22.56 -3.10
N ALA B 26 11.46 -21.70 -3.13
CA ALA B 26 10.11 -22.09 -2.78
C ALA B 26 9.54 -22.96 -3.88
N VAL B 27 9.71 -22.52 -5.13
CA VAL B 27 9.38 -23.32 -6.29
C VAL B 27 10.07 -24.67 -6.20
N ASP B 28 11.39 -24.68 -5.94
CA ASP B 28 12.16 -25.94 -5.95
C ASP B 28 11.74 -26.90 -4.85
N GLU B 29 11.53 -26.36 -3.65
CA GLU B 29 11.14 -27.13 -2.50
C GLU B 29 9.69 -27.68 -2.60
N LEU B 30 8.74 -26.87 -3.06
CA LEU B 30 7.34 -27.31 -3.12
C LEU B 30 7.18 -28.31 -4.25
N SER B 31 7.83 -28.00 -5.35
CA SER B 31 7.93 -28.85 -6.51
C SER B 31 8.50 -30.23 -6.16
N ARG B 32 9.56 -30.26 -5.35
CA ARG B 32 10.20 -31.49 -4.89
C ARG B 32 9.26 -32.34 -4.04
N GLN B 33 8.39 -31.68 -3.27
CA GLN B 33 7.44 -32.37 -2.44
C GLN B 33 6.33 -32.93 -3.27
N GLY B 34 6.23 -32.55 -4.54
CA GLY B 34 5.15 -33.07 -5.41
C GLY B 34 3.93 -32.16 -5.50
N CYS B 35 4.07 -30.93 -4.96
CA CYS B 35 3.06 -29.89 -5.00
C CYS B 35 2.92 -29.29 -6.40
N THR B 36 1.74 -28.77 -6.70
CA THR B 36 1.50 -28.06 -7.92
C THR B 36 1.79 -26.58 -7.63
N VAL B 37 2.66 -25.96 -8.43
CA VAL B 37 3.20 -24.62 -8.12
C VAL B 37 2.89 -23.69 -9.31
N THR B 38 2.33 -22.51 -9.04
CA THR B 38 2.22 -21.44 -10.04
C THR B 38 2.86 -20.17 -9.48
N VAL B 39 3.54 -19.42 -10.34
CA VAL B 39 4.14 -18.15 -9.98
C VAL B 39 3.49 -17.04 -10.81
N SER B 40 2.96 -16.02 -10.13
CA SER B 40 2.60 -14.76 -10.82
C SER B 40 3.74 -13.79 -10.61
N ASP B 41 4.53 -13.57 -11.66
CA ASP B 41 5.68 -12.66 -11.61
C ASP B 41 5.22 -11.30 -12.09
N LEU B 42 4.83 -10.45 -11.15
CA LEU B 42 4.07 -9.27 -11.52
C LEU B 42 4.80 -8.34 -12.50
N TYR B 43 6.05 -8.02 -12.23
CA TYR B 43 6.80 -7.09 -13.07
C TYR B 43 6.95 -7.62 -14.50
N ALA B 44 7.20 -8.91 -14.66
CA ALA B 44 7.37 -9.53 -15.98
C ALA B 44 6.07 -9.64 -16.74
N MET B 45 4.96 -9.74 -16.01
CA MET B 45 3.62 -9.73 -16.63
C MET B 45 3.25 -8.28 -17.00
N ASN B 46 4.07 -7.32 -16.56
CA ASN B 46 3.69 -5.91 -16.65
C ASN B 46 2.30 -5.64 -16.03
N PHE B 47 2.01 -6.32 -14.93
CA PHE B 47 0.72 -6.26 -14.26
C PHE B 47 0.26 -4.80 -13.96
N GLU B 48 -0.98 -4.52 -14.38
CA GLU B 48 -1.63 -3.21 -14.21
C GLU B 48 -2.06 -2.97 -12.75
N PRO B 49 -1.43 -2.02 -12.05
CA PRO B 49 -1.84 -1.79 -10.64
C PRO B 49 -3.06 -0.86 -10.46
N ARG B 50 -3.40 -0.04 -11.46
CA ARG B 50 -4.42 1.03 -11.33
C ARG B 50 -5.84 0.50 -11.43
N ALA B 51 -6.67 0.87 -10.46
CA ALA B 51 -8.07 0.55 -10.49
C ALA B 51 -8.77 1.60 -11.34
N THR B 52 -9.09 1.23 -12.57
CA THR B 52 -9.73 2.15 -13.51
C THR B 52 -10.97 1.48 -14.13
N ASP B 53 -11.73 2.28 -14.88
CA ASP B 53 -12.90 1.78 -15.62
C ASP B 53 -12.57 0.84 -16.79
N LYS B 54 -11.29 0.72 -17.14
CA LYS B 54 -10.85 -0.28 -18.13
C LYS B 54 -10.96 -1.71 -17.58
N ASP B 55 -11.22 -1.85 -16.28
CA ASP B 55 -11.30 -3.16 -15.65
C ASP B 55 -12.65 -3.84 -15.88
N ILE B 56 -13.65 -3.05 -16.30
CA ILE B 56 -15.00 -3.52 -16.64
C ILE B 56 -15.19 -3.38 -18.15
N THR B 57 -15.73 -4.41 -18.79
CA THR B 57 -15.90 -4.41 -20.25
C THR B 57 -17.37 -4.32 -20.68
N GLY B 58 -18.29 -4.52 -19.75
CA GLY B 58 -19.72 -4.41 -20.05
C GLY B 58 -20.36 -3.07 -19.71
N THR B 59 -21.68 -2.98 -19.90
CA THR B 59 -22.42 -1.76 -19.60
C THR B 59 -22.25 -1.44 -18.12
N LEU B 60 -21.93 -0.20 -17.80
CA LEU B 60 -21.79 0.20 -16.40
C LEU B 60 -23.13 0.31 -15.70
N SER B 61 -23.21 -0.18 -14.48
CA SER B 61 -24.39 0.01 -13.61
C SER B 61 -24.77 1.51 -13.64
N ASN B 62 -23.83 2.37 -13.26
CA ASN B 62 -24.07 3.82 -13.26
C ASN B 62 -23.02 4.54 -14.10
N PRO B 63 -23.34 4.79 -15.37
CA PRO B 63 -22.37 5.39 -16.29
C PRO B 63 -22.03 6.88 -16.02
N GLU B 64 -22.97 7.62 -15.40
CA GLU B 64 -22.76 9.05 -15.07
C GLU B 64 -21.67 9.26 -13.97
N VAL B 65 -21.78 8.52 -12.88
CA VAL B 65 -20.83 8.58 -11.78
C VAL B 65 -20.13 7.20 -11.70
N PHE B 66 -18.82 7.13 -12.01
CA PHE B 66 -18.07 5.89 -11.93
C PHE B 66 -17.69 5.56 -10.48
N ASN B 67 -18.17 4.42 -9.98
CA ASN B 67 -17.79 3.92 -8.65
C ASN B 67 -17.10 2.54 -8.81
N TYR B 68 -15.80 2.50 -8.51
CA TYR B 68 -15.00 1.31 -8.79
C TYR B 68 -15.48 0.02 -8.05
N GLY B 69 -15.78 0.14 -6.75
CA GLY B 69 -16.22 -1.02 -5.97
C GLY B 69 -17.55 -1.56 -6.47
N VAL B 70 -18.45 -0.65 -6.87
CA VAL B 70 -19.76 -1.04 -7.31
C VAL B 70 -19.67 -1.67 -8.68
N GLU B 71 -18.93 -1.03 -9.57
CA GLU B 71 -18.79 -1.54 -10.92
C GLU B 71 -18.10 -2.92 -11.03
N THR B 72 -17.00 -3.13 -10.31
CA THR B 72 -16.30 -4.42 -10.35
C THR B 72 -17.07 -5.57 -9.66
N HIS B 73 -17.81 -5.28 -8.61
CA HIS B 73 -18.71 -6.26 -8.02
C HIS B 73 -19.75 -6.78 -9.06
N GLU B 74 -20.38 -5.85 -9.78
N GLU B 74 -20.37 -5.83 -9.77
CA GLU B 74 -21.39 -6.19 -10.79
CA GLU B 74 -21.35 -6.14 -10.81
C GLU B 74 -20.77 -6.79 -12.04
C GLU B 74 -20.70 -6.86 -11.96
N ALA B 75 -19.59 -6.31 -12.44
CA ALA B 75 -18.84 -6.95 -13.52
C ALA B 75 -18.42 -8.38 -13.15
N TYR B 76 -18.10 -8.61 -11.88
CA TYR B 76 -17.71 -9.92 -11.43
C TYR B 76 -18.86 -10.93 -11.65
N LYS B 77 -20.05 -10.57 -11.15
CA LYS B 77 -21.26 -11.42 -11.22
C LYS B 77 -21.73 -11.63 -12.63
N GLN B 78 -21.45 -10.69 -13.51
CA GLN B 78 -21.87 -10.76 -14.88
C GLN B 78 -20.83 -11.39 -15.79
N ARG B 79 -19.62 -11.55 -15.27
CA ARG B 79 -18.43 -11.99 -16.02
C ARG B 79 -17.97 -11.00 -17.10
N SER B 80 -17.94 -9.73 -16.74
CA SER B 80 -17.36 -8.73 -17.64
C SER B 80 -16.14 -8.02 -17.03
N LEU B 81 -15.43 -8.69 -16.12
CA LEU B 81 -14.15 -8.17 -15.64
C LEU B 81 -13.07 -8.34 -16.70
N ALA B 82 -12.04 -7.49 -16.67
CA ALA B 82 -10.90 -7.60 -17.57
C ALA B 82 -10.24 -8.95 -17.30
N SER B 83 -9.83 -9.60 -18.38
CA SER B 83 -9.34 -10.97 -18.33
C SER B 83 -8.04 -11.15 -17.51
N ASP B 84 -7.25 -10.09 -17.37
CA ASP B 84 -6.06 -10.15 -16.51
C ASP B 84 -6.46 -10.33 -15.02
N ILE B 85 -7.61 -9.75 -14.65
CA ILE B 85 -8.15 -9.91 -13.30
C ILE B 85 -8.63 -11.34 -13.14
N THR B 86 -9.46 -11.80 -14.08
CA THR B 86 -10.04 -13.13 -13.96
C THR B 86 -8.99 -14.27 -14.09
N ASP B 87 -7.94 -14.11 -14.89
CA ASP B 87 -6.82 -15.08 -14.83
C ASP B 87 -6.18 -15.18 -13.43
N GLU B 88 -6.06 -14.06 -12.70
CA GLU B 88 -5.51 -14.14 -11.35
C GLU B 88 -6.50 -14.79 -10.38
N GLN B 89 -7.78 -14.52 -10.56
CA GLN B 89 -8.79 -15.07 -9.68
C GLN B 89 -8.88 -16.61 -9.81
N LYS B 90 -8.57 -17.09 -11.01
CA LYS B 90 -8.52 -18.51 -11.25
C LYS B 90 -7.35 -19.19 -10.53
N LYS B 91 -6.19 -18.53 -10.53
CA LYS B 91 -5.02 -19.00 -9.78
C LYS B 91 -5.29 -19.04 -8.29
N VAL B 92 -5.96 -17.99 -7.78
CA VAL B 92 -6.29 -17.93 -6.37
C VAL B 92 -7.35 -18.98 -5.99
N ARG B 93 -8.36 -19.13 -6.83
CA ARG B 93 -9.44 -20.09 -6.59
C ARG B 93 -8.91 -21.52 -6.44
N GLU B 94 -8.00 -21.92 -7.32
CA GLU B 94 -7.42 -23.25 -7.27
C GLU B 94 -6.41 -23.48 -6.15
N ALA B 95 -5.85 -22.42 -5.57
CA ALA B 95 -4.76 -22.57 -4.63
C ALA B 95 -5.22 -23.00 -3.23
N ASP B 96 -4.36 -23.79 -2.58
CA ASP B 96 -4.52 -24.14 -1.20
C ASP B 96 -3.71 -23.18 -0.31
N LEU B 97 -2.61 -22.66 -0.87
CA LEU B 97 -1.71 -21.78 -0.17
C LEU B 97 -1.28 -20.72 -1.18
N VAL B 98 -1.33 -19.45 -0.75
CA VAL B 98 -0.80 -18.33 -1.48
C VAL B 98 0.36 -17.70 -0.68
N ILE B 99 1.52 -17.64 -1.32
CA ILE B 99 2.71 -16.99 -0.78
C ILE B 99 2.92 -15.71 -1.53
N PHE B 100 3.12 -14.62 -0.80
CA PHE B 100 3.50 -13.31 -1.35
C PHE B 100 4.96 -13.09 -1.09
N GLN B 101 5.72 -12.90 -2.16
CA GLN B 101 7.16 -12.67 -2.07
C GLN B 101 7.48 -11.25 -2.55
N PHE B 102 7.95 -10.40 -1.63
CA PHE B 102 8.19 -9.01 -1.98
C PHE B 102 9.12 -8.34 -0.98
N PRO B 103 9.82 -7.28 -1.42
CA PRO B 103 10.58 -6.37 -0.57
C PRO B 103 9.61 -5.40 0.08
N LEU B 104 9.82 -5.09 1.34
CA LEU B 104 9.01 -4.11 2.02
C LEU B 104 9.26 -2.75 1.35
N TYR B 105 8.18 -2.09 0.88
CA TYR B 105 8.25 -0.72 0.35
C TYR B 105 7.36 0.15 1.21
N TRP B 106 7.96 1.03 2.01
CA TRP B 106 7.22 1.96 2.88
C TRP B 106 6.28 1.25 3.84
N PHE B 107 6.84 0.29 4.60
CA PHE B 107 6.04 -0.49 5.57
C PHE B 107 4.87 -1.28 4.97
N SER B 108 4.96 -1.62 3.68
CA SER B 108 3.85 -2.25 2.97
C SER B 108 4.38 -2.95 1.72
N VAL B 109 3.50 -3.23 0.76
CA VAL B 109 3.89 -3.90 -0.45
C VAL B 109 4.26 -2.94 -1.59
N PRO B 110 5.12 -3.38 -2.52
CA PRO B 110 5.29 -2.51 -3.68
C PRO B 110 3.93 -2.26 -4.36
N ALA B 111 3.75 -1.06 -4.89
CA ALA B 111 2.50 -0.66 -5.57
C ALA B 111 1.95 -1.65 -6.58
N ILE B 112 2.82 -2.37 -7.28
CA ILE B 112 2.35 -3.36 -8.28
C ILE B 112 1.58 -4.51 -7.60
N LEU B 113 2.06 -4.89 -6.43
CA LEU B 113 1.42 -5.89 -5.64
C LEU B 113 0.21 -5.28 -4.92
N LYS B 114 0.27 -4.02 -4.51
CA LYS B 114 -0.95 -3.39 -3.92
C LYS B 114 -2.07 -3.35 -4.98
N GLY B 115 -1.71 -3.18 -6.24
CA GLY B 115 -2.67 -3.18 -7.35
C GLY B 115 -3.28 -4.55 -7.59
N TRP B 116 -2.47 -5.59 -7.43
CA TRP B 116 -2.92 -6.96 -7.43
C TRP B 116 -4.01 -7.11 -6.34
N MET B 117 -3.74 -6.73 -5.11
CA MET B 117 -4.76 -6.82 -4.06
CA MET B 117 -4.75 -6.76 -4.02
C MET B 117 -6.02 -5.98 -4.39
N ASP B 118 -5.85 -4.75 -4.87
CA ASP B 118 -6.97 -3.84 -5.19
C ASP B 118 -7.91 -4.37 -6.27
N ARG B 119 -7.34 -4.95 -7.33
CA ARG B 119 -8.07 -5.34 -8.52
C ARG B 119 -8.55 -6.82 -8.49
N VAL B 120 -7.73 -7.71 -7.93
CA VAL B 120 -8.05 -9.13 -7.95
C VAL B 120 -9.02 -9.56 -6.83
N LEU B 121 -8.81 -9.05 -5.60
CA LEU B 121 -9.66 -9.40 -4.48
C LEU B 121 -10.97 -8.60 -4.41
N CYS B 122 -11.79 -8.71 -5.43
CA CYS B 122 -12.98 -7.87 -5.46
C CYS B 122 -14.16 -8.49 -4.70
N GLN B 123 -15.23 -7.69 -4.56
CA GLN B 123 -16.41 -8.13 -3.87
C GLN B 123 -17.06 -9.14 -4.77
N GLY B 124 -17.60 -10.18 -4.15
CA GLY B 124 -18.19 -11.25 -4.93
C GLY B 124 -17.20 -12.36 -5.10
N PHE B 125 -15.90 -12.03 -5.25
CA PHE B 125 -14.86 -13.06 -5.40
C PHE B 125 -14.20 -13.40 -4.08
N ALA B 126 -13.69 -12.38 -3.38
CA ALA B 126 -12.87 -12.63 -2.18
C ALA B 126 -13.65 -12.42 -0.87
N PHE B 127 -14.77 -11.71 -0.96
CA PHE B 127 -15.60 -11.41 0.20
C PHE B 127 -16.96 -10.92 -0.31
N ASP B 128 -17.92 -10.84 0.60
N ASP B 128 -17.93 -10.88 0.60
CA ASP B 128 -19.17 -10.17 0.31
CA ASP B 128 -19.26 -10.34 0.35
C ASP B 128 -19.61 -9.50 1.58
C ASP B 128 -19.62 -9.52 1.58
N ILE B 129 -20.58 -8.60 1.44
CA ILE B 129 -21.11 -7.88 2.62
C ILE B 129 -22.54 -8.37 2.80
N PRO B 130 -22.76 -9.31 3.75
CA PRO B 130 -21.82 -9.94 4.72
C PRO B 130 -21.12 -11.18 4.16
N GLY B 131 -20.10 -11.70 4.86
CA GLY B 131 -19.25 -12.77 4.32
C GLY B 131 -17.80 -12.29 4.22
N PHE B 132 -17.29 -11.83 5.36
CA PHE B 132 -15.90 -11.38 5.49
C PHE B 132 -15.32 -11.82 6.83
N TYR B 133 -14.06 -11.47 7.07
CA TYR B 133 -13.26 -12.05 8.14
C TYR B 133 -13.49 -13.57 8.18
N ASP B 134 -13.88 -14.14 9.30
CA ASP B 134 -13.99 -15.60 9.37
C ASP B 134 -15.00 -16.16 8.36
N SER B 135 -15.91 -15.33 7.86
CA SER B 135 -16.84 -15.73 6.78
C SER B 135 -16.43 -15.29 5.34
N GLY B 136 -15.18 -14.84 5.18
CA GLY B 136 -14.70 -14.37 3.88
C GLY B 136 -14.79 -15.50 2.88
N LEU B 137 -14.83 -15.19 1.58
CA LEU B 137 -15.19 -16.20 0.60
C LEU B 137 -14.04 -17.14 0.30
N LEU B 138 -12.82 -16.73 0.63
CA LEU B 138 -11.64 -17.54 0.42
C LEU B 138 -11.29 -18.37 1.67
N GLN B 139 -12.25 -18.54 2.58
CA GLN B 139 -12.10 -19.48 3.73
C GLN B 139 -11.63 -20.87 3.31
N GLY B 140 -10.77 -21.47 4.10
CA GLY B 140 -10.11 -22.70 3.70
C GLY B 140 -8.65 -22.49 3.22
N LYS B 141 -8.34 -21.34 2.64
CA LYS B 141 -7.03 -21.18 2.04
C LYS B 141 -6.05 -20.63 3.05
N LEU B 142 -4.78 -20.96 2.84
CA LEU B 142 -3.70 -20.44 3.66
C LEU B 142 -3.05 -19.28 2.90
N ALA B 143 -2.47 -18.36 3.65
CA ALA B 143 -1.72 -17.26 3.08
C ALA B 143 -0.51 -17.04 3.94
N LEU B 144 0.60 -16.70 3.29
CA LEU B 144 1.88 -16.46 3.94
C LEU B 144 2.58 -15.25 3.31
N LEU B 145 3.06 -14.31 4.12
CA LEU B 145 3.85 -13.21 3.61
C LEU B 145 5.32 -13.51 3.77
N SER B 146 6.06 -13.41 2.67
CA SER B 146 7.50 -13.57 2.75
C SER B 146 8.15 -12.25 2.30
N VAL B 147 8.64 -11.49 3.27
CA VAL B 147 9.01 -10.09 3.15
C VAL B 147 10.49 -9.97 3.41
N THR B 148 11.20 -9.20 2.58
CA THR B 148 12.58 -8.79 2.89
C THR B 148 12.61 -7.30 3.33
N THR B 149 13.55 -6.93 4.19
CA THR B 149 13.65 -5.55 4.67
C THR B 149 14.98 -4.88 4.37
N GLY B 150 15.00 -3.56 4.49
CA GLY B 150 16.24 -2.76 4.39
C GLY B 150 16.81 -2.64 5.80
N GLY B 151 15.93 -2.46 6.77
CA GLY B 151 16.28 -2.35 8.17
C GLY B 151 16.48 -3.68 8.89
N THR B 152 17.37 -3.67 9.89
CA THR B 152 17.74 -4.89 10.62
C THR B 152 16.64 -5.33 11.57
N ALA B 153 16.76 -6.57 12.08
CA ALA B 153 15.81 -7.07 13.10
C ALA B 153 15.64 -6.12 14.30
N GLU B 154 16.71 -5.43 14.67
CA GLU B 154 16.70 -4.54 15.84
C GLU B 154 15.87 -3.27 15.58
N MET B 155 15.45 -3.08 14.32
CA MET B 155 14.86 -1.81 13.96
C MET B 155 13.38 -1.48 14.16
N TYR B 156 12.32 -2.25 13.84
CA TYR B 156 12.01 -3.69 13.86
C TYR B 156 11.82 -4.40 15.22
N THR B 157 12.15 -3.70 16.30
CA THR B 157 11.70 -4.05 17.67
C THR B 157 10.84 -2.94 18.30
N LYS B 158 10.10 -3.29 19.36
CA LYS B 158 9.23 -2.30 20.05
C LYS B 158 9.96 -1.00 20.43
N THR B 159 11.23 -1.13 20.82
CA THR B 159 12.04 0.02 21.24
C THR B 159 13.04 0.48 20.14
N GLY B 160 13.03 -0.20 18.97
CA GLY B 160 13.74 0.28 17.76
C GLY B 160 13.01 1.42 17.07
N VAL B 161 13.66 2.06 16.09
CA VAL B 161 13.08 3.22 15.37
C VAL B 161 11.78 2.94 14.60
N ASN B 162 11.82 1.86 13.82
CA ASN B 162 10.72 1.44 12.98
C ASN B 162 9.56 0.73 13.68
N GLY B 163 9.65 0.61 15.02
CA GLY B 163 8.66 -0.16 15.81
C GLY B 163 8.75 -1.67 15.56
N ASP B 164 7.89 -2.42 16.22
CA ASP B 164 7.82 -3.87 15.99
C ASP B 164 7.40 -4.18 14.54
N SER B 165 8.07 -5.17 13.93
CA SER B 165 7.71 -5.65 12.59
C SER B 165 6.21 -5.98 12.41
N ARG B 166 5.56 -6.46 13.48
CA ARG B 166 4.14 -6.88 13.39
C ARG B 166 3.18 -5.72 13.18
N TYR B 167 3.60 -4.53 13.59
CA TYR B 167 2.80 -3.33 13.36
C TYR B 167 2.45 -3.14 11.87
N PHE B 168 3.43 -3.27 10.97
CA PHE B 168 3.19 -3.07 9.52
C PHE B 168 2.50 -4.27 8.82
N LEU B 169 2.42 -5.41 9.52
CA LEU B 169 1.71 -6.58 8.99
C LEU B 169 0.21 -6.46 9.10
N TRP B 170 -0.25 -5.57 9.98
CA TRP B 170 -1.68 -5.44 10.23
C TRP B 170 -2.59 -5.21 9.01
N PRO B 171 -2.33 -4.14 8.21
CA PRO B 171 -3.20 -3.93 7.05
C PRO B 171 -3.18 -5.11 6.10
N LEU B 172 -2.01 -5.74 5.95
CA LEU B 172 -1.81 -6.88 5.04
C LEU B 172 -2.40 -8.19 5.59
N GLN B 173 -1.90 -8.65 6.72
CA GLN B 173 -2.46 -9.87 7.33
C GLN B 173 -3.94 -9.77 7.73
N HIS B 174 -4.33 -8.68 8.39
CA HIS B 174 -5.68 -8.60 8.98
C HIS B 174 -6.65 -7.95 8.03
N GLY B 175 -6.28 -6.74 7.60
CA GLY B 175 -7.18 -5.87 6.86
C GLY B 175 -7.50 -6.43 5.50
N THR B 176 -6.56 -7.18 4.91
CA THR B 176 -6.71 -7.76 3.57
C THR B 176 -6.91 -9.28 3.59
N LEU B 177 -5.92 -10.05 4.03
CA LEU B 177 -6.01 -11.51 3.91
C LEU B 177 -7.08 -12.16 4.84
N HIS B 178 -7.03 -11.90 6.13
CA HIS B 178 -8.05 -12.38 7.06
C HIS B 178 -9.46 -11.94 6.64
N PHE B 179 -9.57 -10.68 6.22
CA PHE B 179 -10.84 -10.13 5.77
C PHE B 179 -11.47 -10.99 4.68
N CYS B 180 -10.62 -11.48 3.78
CA CYS B 180 -11.06 -12.28 2.65
C CYS B 180 -11.26 -13.72 3.08
N GLY B 181 -10.92 -14.03 4.33
CA GLY B 181 -11.13 -15.36 4.86
C GLY B 181 -9.95 -16.31 4.90
N PHE B 182 -8.76 -15.88 4.47
CA PHE B 182 -7.57 -16.73 4.55
C PHE B 182 -7.27 -16.98 6.01
N LYS B 183 -6.63 -18.11 6.26
CA LYS B 183 -5.94 -18.35 7.49
C LYS B 183 -4.53 -17.90 7.20
N VAL B 184 -3.93 -17.16 8.12
CA VAL B 184 -2.65 -16.57 7.91
C VAL B 184 -1.55 -17.34 8.64
N LEU B 185 -0.54 -17.76 7.90
CA LEU B 185 0.63 -18.41 8.49
C LEU B 185 1.65 -17.37 8.97
N ALA B 186 2.48 -17.75 9.94
CA ALA B 186 3.45 -16.82 10.49
C ALA B 186 4.27 -16.23 9.34
N PRO B 187 4.40 -14.90 9.28
CA PRO B 187 5.15 -14.29 8.18
C PRO B 187 6.60 -14.78 8.18
N GLN B 188 7.25 -14.83 7.02
CA GLN B 188 8.67 -15.07 6.95
C GLN B 188 9.33 -13.72 6.65
N ILE B 189 10.10 -13.19 7.59
CA ILE B 189 10.78 -11.94 7.36
C ILE B 189 12.28 -12.16 7.33
N SER B 190 12.88 -11.81 6.19
CA SER B 190 14.30 -11.92 5.99
C SER B 190 14.94 -10.54 6.17
N PHE B 191 15.39 -10.24 7.40
CA PHE B 191 15.82 -8.88 7.76
C PHE B 191 17.12 -8.52 7.08
N ALA B 192 17.15 -7.32 6.49
CA ALA B 192 18.36 -6.65 6.02
C ALA B 192 19.36 -7.48 5.22
N PRO B 193 18.91 -8.10 4.11
CA PRO B 193 19.88 -8.91 3.34
C PRO B 193 21.07 -8.15 2.73
N GLU B 194 20.89 -6.87 2.37
CA GLU B 194 22.00 -6.10 1.78
C GLU B 194 23.13 -5.90 2.78
N ILE B 195 22.81 -5.73 4.05
CA ILE B 195 23.80 -5.62 5.12
C ILE B 195 24.42 -6.97 5.53
N ALA B 196 23.64 -8.04 5.46
CA ALA B 196 24.10 -9.35 5.92
C ALA B 196 25.38 -9.83 5.21
N SER B 197 26.18 -10.64 5.91
CA SER B 197 27.35 -11.30 5.30
C SER B 197 26.89 -12.42 4.36
N GLU B 198 27.80 -12.91 3.53
CA GLU B 198 27.49 -14.00 2.59
C GLU B 198 26.80 -15.20 3.24
N GLU B 199 27.34 -15.66 4.36
CA GLU B 199 26.84 -16.82 5.13
C GLU B 199 25.51 -16.55 5.81
N GLU B 200 25.31 -15.30 6.21
CA GLU B 200 24.05 -14.92 6.84
C GLU B 200 22.93 -14.92 5.80
N ARG B 201 23.24 -14.50 4.58
CA ARG B 201 22.29 -14.52 3.49
C ARG B 201 21.90 -15.93 3.06
N LYS B 202 22.93 -16.78 2.94
CA LYS B 202 22.78 -18.18 2.56
C LYS B 202 21.99 -18.92 3.63
N GLY B 203 22.24 -18.58 4.89
CA GLY B 203 21.47 -19.14 5.99
C GLY B 203 20.01 -18.69 6.00
N MET B 204 19.74 -17.53 5.43
CA MET B 204 18.39 -17.01 5.44
C MET B 204 17.57 -17.70 4.38
N VAL B 205 18.20 -17.93 3.21
CA VAL B 205 17.62 -18.70 2.12
C VAL B 205 17.30 -20.16 2.53
N ALA B 206 18.21 -20.76 3.29
CA ALA B 206 18.08 -22.16 3.72
C ALA B 206 17.07 -22.31 4.85
N ALA B 207 16.99 -21.32 5.74
CA ALA B 207 15.91 -21.26 6.73
C ALA B 207 14.51 -21.26 6.08
N TRP B 208 14.33 -20.50 5.00
CA TRP B 208 13.07 -20.47 4.24
C TRP B 208 12.83 -21.83 3.63
N SER B 209 13.86 -22.34 2.96
CA SER B 209 13.85 -23.66 2.36
C SER B 209 13.40 -24.76 3.36
N GLN B 210 14.03 -24.76 4.52
CA GLN B 210 13.80 -25.72 5.58
C GLN B 210 12.42 -25.50 6.19
N ARG B 211 11.97 -24.25 6.32
CA ARG B 211 10.61 -24.03 6.85
C ARG B 211 9.55 -24.64 5.94
N LEU B 212 9.74 -24.53 4.63
CA LEU B 212 8.74 -24.97 3.65
C LEU B 212 8.51 -26.49 3.68
N GLN B 213 9.58 -27.24 4.01
CA GLN B 213 9.53 -28.69 4.22
C GLN B 213 8.41 -29.10 5.15
N THR B 214 8.12 -28.32 6.17
CA THR B 214 7.09 -28.70 7.13
C THR B 214 5.89 -27.77 7.11
N ILE B 215 5.73 -27.03 6.00
CA ILE B 215 4.72 -25.96 5.89
C ILE B 215 3.29 -26.41 6.11
N TRP B 216 2.97 -27.65 5.73
CA TRP B 216 1.58 -28.15 5.80
C TRP B 216 1.18 -28.65 7.19
N LYS B 217 2.16 -28.70 8.09
CA LYS B 217 1.93 -29.11 9.48
C LYS B 217 1.74 -27.90 10.41
N GLU B 218 1.85 -26.70 9.85
CA GLU B 218 1.74 -25.45 10.58
C GLU B 218 0.30 -25.02 10.82
N GLU B 219 0.07 -24.41 11.97
CA GLU B 219 -1.21 -23.85 12.34
C GLU B 219 -1.16 -22.38 11.96
N PRO B 220 -2.30 -21.77 11.61
CA PRO B 220 -2.21 -20.33 11.37
C PRO B 220 -1.90 -19.50 12.66
N ILE B 221 -1.58 -18.22 12.52
CA ILE B 221 -1.51 -17.33 13.67
C ILE B 221 -2.92 -16.93 14.09
N PRO B 222 -3.12 -16.61 15.39
CA PRO B 222 -4.37 -15.89 15.77
C PRO B 222 -4.27 -14.46 15.21
N CYS B 223 -5.01 -14.14 14.17
CA CYS B 223 -4.76 -12.90 13.45
C CYS B 223 -5.63 -11.78 14.05
N THR B 224 -5.16 -11.22 15.15
CA THR B 224 -5.97 -10.33 15.97
C THR B 224 -5.15 -9.12 16.36
N ALA B 225 -5.84 -8.11 16.91
CA ALA B 225 -5.18 -6.93 17.49
C ALA B 225 -4.06 -7.30 18.48
N HIS B 226 -4.33 -8.21 19.43
CA HIS B 226 -3.31 -8.67 20.37
C HIS B 226 -2.05 -9.33 19.80
N TRP B 227 -2.18 -10.10 18.72
CA TRP B 227 -1.01 -10.74 18.12
C TRP B 227 -0.14 -9.64 17.50
N HIS B 228 -0.81 -8.66 16.90
CA HIS B 228 -0.11 -7.61 16.20
C HIS B 228 0.50 -6.59 17.16
N PHE B 229 -0.28 -6.25 18.18
CA PHE B 229 0.02 -5.06 18.97
C PHE B 229 0.36 -5.34 20.42
N GLY B 230 0.01 -6.53 20.91
CA GLY B 230 0.29 -6.94 22.29
C GLY B 230 -0.58 -6.19 23.29
N GLN B 231 0.05 -5.70 24.37
CA GLN B 231 -0.52 -4.67 25.27
C GLN B 231 -1.97 -4.93 25.72
ZN ZN C . 6.00 8.74 13.52
PA FAD D . -18.67 8.09 -3.31
O1A FAD D . -19.54 6.92 -3.74
O2A FAD D . -18.11 8.74 -4.54
O5B FAD D . -19.51 9.14 -2.40
C5B FAD D . -20.64 8.84 -1.62
C4B FAD D . -21.83 9.72 -2.03
O4B FAD D . -21.62 11.11 -1.79
C3B FAD D . -22.20 9.60 -3.50
O3B FAD D . -23.59 9.39 -3.56
C2B FAD D . -21.84 10.94 -4.09
O2B FAD D . -22.65 11.34 -5.16
C1B FAD D . -22.07 11.85 -2.92
N9A FAD D . -21.36 13.14 -2.99
C8A FAD D . -20.37 13.55 -3.86
N7A FAD D . -20.00 14.80 -3.52
C5A FAD D . -20.74 15.21 -2.45
C6A FAD D . -20.79 16.41 -1.72
N6A FAD D . -20.57 17.54 -2.37
N1A FAD D . -21.66 16.51 -0.66
C2A FAD D . -22.51 15.46 -0.35
N3A FAD D . -22.48 14.29 -1.08
C4A FAD D . -21.60 14.18 -2.12
N1 FAD D . -13.31 0.62 2.79
C2 FAD D . -12.88 0.46 4.08
O2 FAD D . -13.52 0.97 5.00
N3 FAD D . -11.74 -0.26 4.33
C4 FAD D . -11.00 -0.84 3.30
O4 FAD D . -9.96 -1.44 3.63
C4X FAD D . -11.45 -0.67 1.98
N5 FAD D . -10.79 -1.21 0.89
C5X FAD D . -11.26 -1.00 -0.40
C6 FAD D . -10.57 -1.56 -1.49
C7 FAD D . -11.06 -1.35 -2.79
C7M FAD D . -10.28 -1.92 -3.96
C8 FAD D . -12.24 -0.57 -2.99
C8M FAD D . -12.84 -0.26 -4.34
C9 FAD D . -12.91 -0.02 -1.89
C9A FAD D . -12.42 -0.23 -0.61
N10 FAD D . -13.10 0.30 0.47
C10 FAD D . -12.60 0.09 1.75
C1' FAD D . -14.34 1.17 0.34
C2' FAD D . -13.89 2.65 0.09
O2' FAD D . -12.91 3.16 1.00
C3' FAD D . -15.10 3.59 -0.07
O3' FAD D . -15.88 3.07 -1.15
C4' FAD D . -14.72 5.07 -0.33
O4' FAD D . -13.95 5.61 0.73
C5' FAD D . -15.92 6.00 -0.56
O5' FAD D . -15.43 7.25 -1.04
P FAD D . -15.96 7.80 -2.45
O1P FAD D . -15.56 6.94 -3.64
O2P FAD D . -15.44 9.19 -2.68
O3P FAD D . -17.55 7.69 -2.23
C1 79X E . 12.83 4.45 -1.07
N1 79X E . 14.35 2.88 1.75
O1 79X E . 13.53 4.70 -3.38
C2 79X E . 13.10 3.93 0.19
O2 79X E . 16.21 1.45 2.46
C3 79X E . 14.26 3.16 0.38
O3 79X E . 11.73 2.84 7.03
C4 79X E . 15.19 2.94 -0.62
O4 79X E . 13.84 1.45 7.51
C5 79X E . 14.90 3.47 -1.87
C6 79X E . 13.73 4.21 -2.10
C7 79X E . 12.41 4.00 1.48
C8 79X E . 13.17 3.23 2.34
C10 79X E . 15.08 2.03 2.66
C11 79X E . 14.37 2.13 3.97
C12 79X E . 13.23 2.89 3.70
C13 79X E . 12.29 3.15 4.69
C14 79X E . 12.55 2.64 5.95
C15 79X E . 13.68 1.89 6.22
C16 79X E . 14.62 1.62 5.21
C21 79X E . 10.41 3.36 6.86
C23 79X E . 15.12 1.02 7.96
ZN ZN F . -6.83 -10.80 11.58
PA FAD G . 19.11 -7.53 -2.97
O1A FAD G . 19.80 -6.17 -2.95
O2A FAD G . 18.72 -8.01 -4.33
O5B FAD G . 19.94 -8.63 -2.12
C5B FAD G . 21.07 -8.35 -1.32
C4B FAD G . 22.25 -9.24 -1.76
O4B FAD G . 21.91 -10.62 -1.66
C3B FAD G . 22.65 -9.02 -3.22
O3B FAD G . 24.05 -8.92 -3.31
C2B FAD G . 22.21 -10.30 -3.90
O2B FAD G . 22.94 -10.66 -5.04
C1B FAD G . 22.44 -11.28 -2.78
N9A FAD G . 21.76 -12.55 -3.07
C8A FAD G . 20.76 -12.79 -3.98
N7A FAD G . 20.46 -14.11 -3.92
C5A FAD G . 21.27 -14.71 -3.00
C6A FAD G . 21.39 -16.03 -2.54
N6A FAD G . 20.93 -17.05 -3.26
N1A FAD G . 22.33 -16.32 -1.57
C2A FAD G . 23.14 -15.33 -1.08
N3A FAD G . 23.01 -14.03 -1.53
C4A FAD G . 22.08 -13.73 -2.47
N1 FAD G . 13.08 -1.13 3.78
C2 FAD G . 12.54 -1.11 5.07
O2 FAD G . 13.09 -1.74 5.99
N3 FAD G . 11.38 -0.40 5.29
C4 FAD G . 10.80 0.29 4.23
O4 FAD G . 9.76 0.91 4.48
C4X FAD G . 11.37 0.30 2.95
N5 FAD G . 10.83 0.99 1.89
C5X FAD G . 11.43 0.95 0.64
C6 FAD G . 10.81 1.63 -0.40
C7 FAD G . 11.38 1.59 -1.67
C7M FAD G . 10.64 2.36 -2.72
C8 FAD G . 12.58 0.86 -1.89
C8M FAD G . 13.28 0.77 -3.23
C9 FAD G . 13.16 0.17 -0.83
C9A FAD G . 12.58 0.20 0.43
N10 FAD G . 13.12 -0.48 1.51
C10 FAD G . 12.52 -0.42 2.74
C1' FAD G . 14.35 -1.35 1.41
C2' FAD G . 13.90 -2.71 0.77
O2' FAD G . 12.90 -3.36 1.56
C3' FAD G . 15.09 -3.65 0.56
O3' FAD G . 16.07 -2.95 -0.21
C4' FAD G . 14.72 -5.03 -0.01
O4' FAD G . 13.89 -5.73 0.92
C5' FAD G . 15.97 -5.87 -0.28
O5' FAD G . 15.63 -7.05 -0.99
P FAD G . 16.30 -7.38 -2.40
O1P FAD G . 16.09 -6.26 -3.37
O2P FAD G . 15.81 -8.67 -2.97
O3P FAD G . 17.85 -7.45 -1.99
C1 79X H . -12.70 -4.09 -2.45
N1 79X H . -14.40 -2.99 0.52
O1 79X H . -13.29 -3.93 -4.82
C2 79X H . -13.06 -3.80 -1.13
O2 79X H . -16.28 -1.73 1.52
C3 79X H . -14.22 -3.06 -0.86
O3 79X H . -11.86 -3.98 5.75
C4 79X H . -15.09 -2.67 -1.87
O4 79X H . -14.12 -2.61 6.46
C5 79X H . -14.73 -2.98 -3.18
C6 79X H . -13.57 -3.67 -3.49
C7 79X H . -12.43 -4.07 0.14
C8 79X H . -13.25 -3.48 1.09
C10 79X H . -15.15 -2.32 1.56
C11 79X H . -14.48 -2.67 2.85
C12 79X H . -13.34 -3.37 2.46
C13 79X H . -12.43 -3.81 3.42
C14 79X H . -12.71 -3.54 4.77
C15 79X H . -13.88 -2.85 5.13
C16 79X H . -14.79 -2.41 4.17
C21 79X H . -10.60 -4.58 5.47
C23 79X H . -15.47 -2.42 6.89
#